data_4ZA3
#
_entry.id   4ZA3
#
_cell.length_a   141.400
_cell.length_b   119.590
_cell.length_c   44.860
_cell.angle_alpha   90.00
_cell.angle_beta   90.00
_cell.angle_gamma   90.00
#
_symmetry.space_group_name_H-M   'P 21 21 2'
#
loop_
_entity.id
_entity.type
_entity.pdbx_description
1 polymer 'rRNA N-glycosidase'
2 polymer 'rRNA N-glycosidase'
3 branched alpha-L-fucopyranose-(1-3)-2-acetamido-2-deoxy-beta-D-glucopyranose
4 branched beta-D-mannopyranose-(1-4)-2-acetamido-2-deoxy-beta-D-glucopyranose
5 branched 2-acetamido-2-deoxy-beta-D-glucopyranose-(1-4)-2-acetamido-2-deoxy-beta-D-glucopyranose
6 non-polymer 1,2-ETHANEDIOL
7 non-polymer 2-acetamido-2-deoxy-beta-D-glucopyranose
8 non-polymer GLYCEROL
9 water water
#
loop_
_entity_poly.entity_id
_entity_poly.type
_entity_poly.pdbx_seq_one_letter_code
_entity_poly.pdbx_strand_id
1 'polypeptide(L)'
;NLSLSQSNFSADTYKSFIKNLRKQLTIGASYGSAGIPILKHSVPICERFLLVDLTNGDNETITLAINVEDAGFAAYRAAD
RSYFFQNAPPIASYVIFTDTNQNIMNFNNTFESIEIVGGTTRSETPLGIMHFEASIFHLFVHDENYVPTSFLVLIQMVLE
AAKFKFIEQKVIHSIMDMEDFTPGLAMLSLEENWTQLSLQLQASESLNGVFGDSVSLYNSMDEPIGVDSMYYPILTANMA
FQLYQCP
;
A
2 'polypeptide(L)'
;EQCSPQQRTTRISGRDGLCVDVYGALTADGSRVILYPCGQQQNQQWTFYPDNTIRSLGKCLATSALSSGSNVVITNCDYL
RYDDGWMVSSSGTMMNKSSHLVLTANAATSRTNLTGENNVFAAKQAWRIGNYVEPIVTTIIGLRHMCLEATDNDTNVWLE
SCVKNKTKQYWALYSDDTIRVNNNRNLCVSSSTDSSSKLIVIRRCDGSINQRWVFTPQGTISNPGYEAVMDVAQNDVYLK
KIVLSSATDKGNGQQWTVFY
;
B
#
loop_
_chem_comp.id
_chem_comp.type
_chem_comp.name
_chem_comp.formula
BMA D-saccharide, beta linking beta-D-mannopyranose 'C6 H12 O6'
EDO non-polymer 1,2-ETHANEDIOL 'C2 H6 O2'
FUC L-saccharide, alpha linking alpha-L-fucopyranose 'C6 H12 O5'
GOL non-polymer GLYCEROL 'C3 H8 O3'
NAG D-saccharide, beta linking 2-acetamido-2-deoxy-beta-D-glucopyranose 'C8 H15 N O6'
#
# COMPACT_ATOMS: atom_id res chain seq x y z
N ASN A 1 20.62 21.11 -1.23
CA ASN A 1 19.48 20.31 -1.64
C ASN A 1 19.63 18.89 -1.16
N LEU A 2 18.53 18.19 -1.04
CA LEU A 2 18.57 16.79 -0.68
C LEU A 2 19.39 16.15 -1.79
N SER A 3 20.28 15.25 -1.44
CA SER A 3 21.12 14.69 -2.45
C SER A 3 21.54 13.26 -2.22
N LEU A 4 21.99 12.64 -3.30
CA LEU A 4 22.49 11.29 -3.31
C LEU A 4 23.70 11.25 -4.23
N SER A 5 24.78 10.65 -3.77
CA SER A 5 26.00 10.52 -4.52
C SER A 5 26.43 9.08 -4.69
N GLN A 6 26.90 8.72 -5.87
CA GLN A 6 27.33 7.38 -6.15
C GLN A 6 28.52 6.91 -5.32
N SER A 7 29.23 7.84 -4.73
CA SER A 7 30.35 7.50 -3.88
C SER A 7 29.89 6.96 -2.53
N ASN A 8 28.74 7.11 -2.22
CA ASN A 8 28.14 6.59 -0.99
C ASN A 8 26.72 6.16 -1.34
N PHE A 9 26.58 5.15 -2.09
CA PHE A 9 25.32 4.61 -2.52
C PHE A 9 25.08 3.18 -2.03
N SER A 10 24.53 3.06 -0.86
CA SER A 10 24.23 1.81 -0.29
C SER A 10 22.74 1.69 -0.05
N ALA A 11 22.28 0.52 0.27
CA ALA A 11 20.89 0.37 0.56
C ALA A 11 20.48 1.33 1.68
N ASP A 12 21.33 1.53 2.67
CA ASP A 12 20.95 2.43 3.74
C ASP A 12 20.84 3.89 3.28
N THR A 13 21.81 4.35 2.52
CA THR A 13 21.77 5.73 2.09
C THR A 13 20.65 5.97 1.07
N TYR A 14 20.37 5.00 0.23
CA TYR A 14 19.29 5.10 -0.73
C TYR A 14 17.95 5.18 0.02
N LYS A 15 17.77 4.29 0.96
CA LYS A 15 16.56 4.31 1.76
C LYS A 15 16.37 5.64 2.47
N SER A 16 17.43 6.19 3.02
CA SER A 16 17.32 7.48 3.69
C SER A 16 16.95 8.58 2.75
N PHE A 17 17.51 8.52 1.56
CA PHE A 17 17.23 9.50 0.53
C PHE A 17 15.77 9.48 0.14
N ILE A 18 15.24 8.29 -0.11
CA ILE A 18 13.86 8.15 -0.48
C ILE A 18 12.94 8.59 0.66
N LYS A 19 13.28 8.21 1.87
CA LYS A 19 12.51 8.60 3.05
C LYS A 19 12.43 10.11 3.14
N ASN A 20 13.56 10.76 2.98
CA ASN A 20 13.59 12.19 3.04
C ASN A 20 12.88 12.89 1.88
N LEU A 21 12.99 12.30 0.69
CA LEU A 21 12.29 12.84 -0.43
C LEU A 21 10.76 12.81 -0.19
N ARG A 22 10.27 11.71 0.34
CA ARG A 22 8.86 11.61 0.65
C ARG A 22 8.47 12.69 1.68
N LYS A 23 9.34 12.88 2.66
CA LYS A 23 9.06 13.86 3.69
C LYS A 23 8.93 15.24 3.12
N GLN A 24 9.86 15.58 2.28
CA GLN A 24 9.82 16.88 1.68
C GLN A 24 8.62 17.09 0.78
N LEU A 25 8.27 16.09 0.00
CA LEU A 25 7.13 16.23 -0.89
C LEU A 25 5.79 16.32 -0.14
N THR A 26 5.78 15.74 1.03
CA THR A 26 4.58 15.69 1.83
C THR A 26 4.37 16.82 2.84
N ILE A 27 5.26 17.78 2.82
CA ILE A 27 5.08 18.92 3.66
C ILE A 27 3.75 19.57 3.23
N GLY A 28 2.87 19.82 4.17
CA GLY A 28 1.62 20.43 3.84
C GLY A 28 0.61 19.55 3.15
N ALA A 29 0.84 18.25 3.13
CA ALA A 29 -0.10 17.38 2.50
C ALA A 29 -1.41 17.28 3.25
N SER A 30 -2.46 16.85 2.59
CA SER A 30 -3.72 16.58 3.23
C SER A 30 -3.83 15.06 3.46
N TYR A 31 -4.76 14.68 4.32
CA TYR A 31 -4.96 13.29 4.66
C TYR A 31 -6.44 12.94 4.71
N GLY A 32 -6.74 11.72 4.33
CA GLY A 32 -8.07 11.20 4.38
C GLY A 32 -8.12 9.97 5.27
N SER A 33 -9.17 9.18 5.13
CA SER A 33 -9.31 7.99 5.96
C SER A 33 -8.20 7.00 5.81
N ALA A 34 -7.70 6.87 4.67
CA ALA A 34 -6.65 5.92 4.43
C ALA A 34 -5.34 6.26 5.10
N GLY A 35 -5.16 7.51 5.44
CA GLY A 35 -3.95 7.91 6.10
C GLY A 35 -2.74 8.05 5.23
N ILE A 36 -2.96 8.04 3.93
CA ILE A 36 -1.89 8.20 2.96
C ILE A 36 -1.88 9.65 2.52
N PRO A 37 -0.79 10.33 2.70
CA PRO A 37 -0.74 11.74 2.35
C PRO A 37 -1.05 12.07 0.91
N ILE A 38 -1.74 13.19 0.72
CA ILE A 38 -2.13 13.67 -0.56
C ILE A 38 -1.29 14.93 -0.84
N LEU A 39 -0.58 14.91 -1.94
CA LEU A 39 0.28 16.01 -2.31
C LEU A 39 -0.49 17.34 -2.40
N LYS A 40 0.26 18.42 -2.29
CA LYS A 40 -0.32 19.76 -2.35
C LYS A 40 -0.88 20.04 -3.72
N HIS A 41 -1.79 21.01 -3.82
CA HIS A 41 -2.41 21.39 -5.07
C HIS A 41 -2.52 22.94 -5.13
N SER A 42 -2.65 23.45 -6.33
CA SER A 42 -2.73 24.87 -6.57
C SER A 42 -1.57 25.60 -5.87
N VAL A 43 -0.37 25.09 -6.04
CA VAL A 43 0.80 25.65 -5.40
C VAL A 43 1.36 26.79 -6.25
N PRO A 44 1.60 27.96 -5.65
CA PRO A 44 2.13 29.07 -6.44
C PRO A 44 3.43 28.65 -7.11
N ILE A 45 3.61 29.06 -8.36
CA ILE A 45 4.81 28.68 -9.13
C ILE A 45 6.14 28.92 -8.43
N CYS A 46 6.28 30.04 -7.73
CA CYS A 46 7.52 30.31 -7.01
C CYS A 46 7.82 29.18 -5.96
N GLU A 47 6.88 28.28 -5.70
CA GLU A 47 7.03 27.19 -4.70
C GLU A 47 6.76 25.86 -5.00
N ARG A 48 6.54 25.78 -6.25
CA ARG A 48 6.17 24.48 -6.79
C ARG A 48 7.26 23.45 -7.03
N PHE A 49 8.50 23.82 -6.87
CA PHE A 49 9.57 22.87 -7.16
C PHE A 49 10.45 22.53 -6.02
N LEU A 50 10.82 21.26 -5.96
CA LEU A 50 11.72 20.71 -4.98
C LEU A 50 12.96 20.30 -5.78
N LEU A 51 14.10 20.78 -5.37
CA LEU A 51 15.33 20.46 -6.06
C LEU A 51 16.08 19.36 -5.35
N VAL A 52 16.61 18.43 -6.11
CA VAL A 52 17.38 17.37 -5.56
C VAL A 52 18.59 17.20 -6.45
N ASP A 53 19.71 16.95 -5.82
CA ASP A 53 20.96 16.76 -6.49
C ASP A 53 21.37 15.29 -6.57
N LEU A 54 21.86 14.84 -7.71
CA LEU A 54 22.40 13.51 -7.88
C LEU A 54 23.81 13.65 -8.44
N THR A 55 24.75 12.97 -7.83
CA THR A 55 26.14 13.00 -8.26
C THR A 55 26.58 11.63 -8.76
N ASN A 56 27.27 11.59 -9.88
CA ASN A 56 27.73 10.34 -10.48
C ASN A 56 29.08 9.90 -9.92
N GLY A 57 29.73 8.97 -10.59
CA GLY A 57 30.98 8.44 -10.11
C GLY A 57 32.18 9.29 -10.40
N ASP A 58 31.97 10.31 -11.21
CA ASP A 58 32.98 11.25 -11.68
C ASP A 58 32.89 12.55 -10.91
N ASN A 59 32.14 12.58 -9.84
CA ASN A 59 31.92 13.80 -9.12
C ASN A 59 31.22 14.87 -9.96
N GLU A 60 30.34 14.46 -10.87
CA GLU A 60 29.55 15.34 -11.72
C GLU A 60 28.11 15.35 -11.18
N THR A 61 27.55 16.51 -10.99
CA THR A 61 26.26 16.63 -10.39
C THR A 61 25.20 17.27 -11.25
N ILE A 62 23.97 16.77 -11.14
CA ILE A 62 22.83 17.37 -11.81
C ILE A 62 21.82 17.72 -10.71
N THR A 63 21.04 18.74 -10.96
CA THR A 63 19.99 19.16 -10.05
C THR A 63 18.66 18.99 -10.79
N LEU A 64 17.80 18.16 -10.26
CA LEU A 64 16.51 17.91 -10.86
C LEU A 64 15.45 18.69 -10.12
N ALA A 65 14.51 19.21 -10.87
CA ALA A 65 13.43 19.95 -10.29
C ALA A 65 12.19 19.08 -10.35
N ILE A 66 11.65 18.81 -9.20
CA ILE A 66 10.46 17.99 -9.06
C ILE A 66 9.25 18.86 -8.75
N ASN A 67 8.17 18.69 -9.51
CA ASN A 67 6.93 19.40 -9.30
C ASN A 67 6.30 18.77 -8.04
N VAL A 68 6.13 19.57 -6.98
CA VAL A 68 5.56 19.06 -5.75
C VAL A 68 4.10 18.66 -5.83
N GLU A 69 3.43 19.06 -6.88
CA GLU A 69 2.04 18.71 -7.05
C GLU A 69 1.85 17.28 -7.59
N ASP A 70 2.82 16.80 -8.35
CA ASP A 70 2.67 15.49 -8.97
C ASP A 70 3.89 14.59 -8.91
N ALA A 71 4.91 15.01 -8.21
CA ALA A 71 6.08 14.19 -8.09
C ALA A 71 6.69 13.73 -9.41
N GLY A 72 6.66 14.62 -10.38
CA GLY A 72 7.28 14.38 -11.65
C GLY A 72 8.42 15.37 -11.89
N PHE A 73 9.32 15.06 -12.80
CA PHE A 73 10.40 16.01 -13.06
C PHE A 73 9.93 17.04 -14.10
N ALA A 74 10.29 18.29 -13.89
CA ALA A 74 9.96 19.34 -14.82
C ALA A 74 11.16 19.81 -15.63
N ALA A 75 12.33 19.69 -15.02
CA ALA A 75 13.56 20.11 -15.62
C ALA A 75 14.77 19.70 -14.81
N TYR A 76 15.93 19.98 -15.35
CA TYR A 76 17.13 19.74 -14.63
C TYR A 76 18.25 20.69 -15.09
N ARG A 77 19.23 20.78 -14.24
CA ARG A 77 20.37 21.60 -14.48
C ARG A 77 21.65 20.77 -14.43
N ALA A 78 22.57 21.10 -15.32
CA ALA A 78 23.90 20.52 -15.36
C ALA A 78 24.87 21.69 -15.60
N ALA A 79 25.69 21.98 -14.62
CA ALA A 79 26.62 23.08 -14.71
C ALA A 79 25.89 24.38 -15.06
N ASP A 80 26.18 24.98 -16.18
CA ASP A 80 25.49 26.20 -16.52
C ASP A 80 24.44 26.04 -17.58
N ARG A 81 23.95 24.81 -17.73
CA ARG A 81 22.93 24.52 -18.69
C ARG A 81 21.73 23.93 -17.97
N SER A 82 20.54 24.13 -18.53
CA SER A 82 19.31 23.58 -17.99
C SER A 82 18.41 23.09 -19.12
N TYR A 83 17.60 22.10 -18.81
CA TYR A 83 16.74 21.48 -19.76
C TYR A 83 15.36 21.28 -19.18
N PHE A 84 14.36 21.74 -19.90
CA PHE A 84 12.98 21.69 -19.50
C PHE A 84 12.13 20.81 -20.40
N PHE A 85 11.25 20.02 -19.81
CA PHE A 85 10.37 19.25 -20.63
C PHE A 85 9.39 20.19 -21.35
N GLN A 86 8.85 19.74 -22.46
CA GLN A 86 7.91 20.52 -23.24
C GLN A 86 6.69 20.84 -22.44
N ASN A 87 6.31 19.90 -21.59
CA ASN A 87 5.13 20.01 -20.78
C ASN A 87 5.39 20.54 -19.37
N ALA A 88 6.57 21.09 -19.15
CA ALA A 88 6.87 21.69 -17.87
C ALA A 88 5.86 22.87 -17.68
N PRO A 89 5.55 23.28 -16.46
CA PRO A 89 4.62 24.42 -16.34
C PRO A 89 5.15 25.60 -17.14
N PRO A 90 4.37 26.28 -17.94
CA PRO A 90 4.89 27.35 -18.80
C PRO A 90 5.73 28.47 -18.17
N ILE A 91 5.48 28.73 -16.90
CA ILE A 91 6.22 29.75 -16.20
C ILE A 91 7.42 29.24 -15.42
N ALA A 92 7.66 27.94 -15.44
CA ALA A 92 8.78 27.40 -14.70
C ALA A 92 10.15 28.00 -15.02
N SER A 93 10.40 28.32 -16.27
CA SER A 93 11.70 28.83 -16.66
C SER A 93 12.05 30.17 -15.99
N TYR A 94 11.05 30.87 -15.47
CA TYR A 94 11.32 32.13 -14.79
C TYR A 94 11.56 31.96 -13.32
N VAL A 95 11.38 30.73 -12.84
CA VAL A 95 11.49 30.42 -11.45
C VAL A 95 12.66 29.56 -11.06
N ILE A 96 13.00 28.63 -11.93
CA ILE A 96 14.10 27.75 -11.67
C ILE A 96 15.17 27.83 -12.72
N PHE A 97 16.40 27.63 -12.28
CA PHE A 97 17.54 27.61 -13.14
C PHE A 97 17.58 28.86 -14.02
N THR A 98 17.35 30.00 -13.43
CA THR A 98 17.31 31.23 -14.19
C THR A 98 18.68 31.70 -14.69
N ASP A 99 19.68 31.44 -13.89
CA ASP A 99 21.02 31.81 -14.26
C ASP A 99 21.76 30.71 -15.00
N THR A 100 21.14 30.16 -16.02
CA THR A 100 21.71 29.14 -16.86
C THR A 100 21.29 29.34 -18.28
N ASN A 101 21.90 28.59 -19.18
CA ASN A 101 21.49 28.59 -20.55
C ASN A 101 20.39 27.54 -20.63
N GLN A 102 19.16 27.98 -20.81
CA GLN A 102 17.99 27.12 -20.84
C GLN A 102 17.63 26.52 -22.16
N ASN A 103 17.24 25.26 -22.15
CA ASN A 103 16.87 24.52 -23.34
C ASN A 103 15.58 23.76 -23.12
N ILE A 104 14.82 23.60 -24.17
CA ILE A 104 13.62 22.85 -24.10
C ILE A 104 13.79 21.51 -24.80
N MET A 105 13.50 20.43 -24.09
CA MET A 105 13.58 19.10 -24.65
C MET A 105 12.32 18.88 -25.47
N ASN A 106 12.42 18.23 -26.61
CA ASN A 106 11.32 18.06 -27.53
C ASN A 106 10.35 16.94 -27.20
N PHE A 107 10.05 16.80 -25.92
CA PHE A 107 9.18 15.74 -25.46
C PHE A 107 8.70 16.03 -24.05
N ASN A 108 7.65 15.34 -23.66
CA ASN A 108 7.02 15.49 -22.37
C ASN A 108 7.65 14.58 -21.32
N ASN A 109 7.42 14.90 -20.06
CA ASN A 109 7.94 14.15 -18.94
C ASN A 109 7.15 12.86 -18.63
N THR A 110 6.33 12.42 -19.54
CA THR A 110 5.58 11.22 -19.34
C THR A 110 6.24 9.98 -19.91
N PHE A 111 6.01 8.83 -19.32
CA PHE A 111 6.61 7.66 -19.87
C PHE A 111 6.24 7.45 -21.34
N GLU A 112 5.00 7.69 -21.67
CA GLU A 112 4.57 7.48 -23.03
C GLU A 112 5.36 8.30 -24.02
N SER A 113 5.53 9.57 -23.71
CA SER A 113 6.27 10.45 -24.57
C SER A 113 7.78 10.11 -24.61
N ILE A 114 8.35 9.84 -23.46
CA ILE A 114 9.72 9.49 -23.43
C ILE A 114 10.01 8.20 -24.18
N GLU A 115 9.15 7.22 -24.08
CA GLU A 115 9.37 5.97 -24.75
C GLU A 115 9.23 6.13 -26.26
N ILE A 116 8.34 6.98 -26.70
CA ILE A 116 8.20 7.19 -28.12
C ILE A 116 9.43 7.87 -28.67
N VAL A 117 9.90 8.90 -28.01
CA VAL A 117 11.06 9.60 -28.50
C VAL A 117 12.31 8.80 -28.45
N GLY A 118 12.48 8.03 -27.42
CA GLY A 118 13.65 7.22 -27.34
C GLY A 118 13.60 5.89 -28.04
N GLY A 119 12.42 5.46 -28.41
CA GLY A 119 12.26 4.20 -29.07
C GLY A 119 12.52 2.97 -28.23
N THR A 120 12.50 3.13 -26.92
CA THR A 120 12.75 2.05 -25.98
C THR A 120 11.77 2.13 -24.81
N THR A 121 11.23 1.00 -24.39
CA THR A 121 10.29 0.99 -23.31
C THR A 121 10.89 0.67 -21.95
N ARG A 122 10.12 0.91 -20.93
CA ARG A 122 10.59 0.59 -19.62
C ARG A 122 10.93 -0.90 -19.45
N SER A 123 10.16 -1.78 -20.06
CA SER A 123 10.43 -3.21 -19.95
C SER A 123 11.78 -3.66 -20.50
N GLU A 124 12.33 -2.85 -21.34
CA GLU A 124 13.57 -3.20 -21.93
C GLU A 124 14.70 -2.30 -21.48
N THR A 125 14.48 -1.56 -20.39
CA THR A 125 15.49 -0.67 -19.85
C THR A 125 16.00 -1.10 -18.47
N PRO A 126 17.18 -1.63 -18.43
CA PRO A 126 17.69 -2.07 -17.14
C PRO A 126 17.83 -0.96 -16.11
N LEU A 127 17.61 -1.36 -14.86
CA LEU A 127 17.74 -0.52 -13.69
C LEU A 127 18.76 -1.18 -12.76
N GLY A 128 19.44 -0.36 -12.00
CA GLY A 128 20.45 -0.82 -11.12
C GLY A 128 21.54 0.21 -10.92
N ILE A 129 22.58 -0.14 -10.20
CA ILE A 129 23.67 0.77 -9.93
C ILE A 129 24.33 1.39 -11.17
N MET A 130 24.77 0.53 -12.07
CA MET A 130 25.41 1.02 -13.25
C MET A 130 24.56 2.02 -14.04
N HIS A 131 23.27 1.74 -14.04
CA HIS A 131 22.30 2.51 -14.79
C HIS A 131 21.98 3.84 -14.15
N PHE A 132 21.97 3.85 -12.83
CA PHE A 132 21.71 5.08 -12.12
C PHE A 132 22.91 6.03 -12.37
N GLU A 133 24.10 5.50 -12.20
CA GLU A 133 25.28 6.27 -12.42
C GLU A 133 25.36 6.77 -13.84
N ALA A 134 25.13 5.90 -14.79
CA ALA A 134 25.25 6.28 -16.16
C ALA A 134 24.22 7.30 -16.59
N SER A 135 23.05 7.19 -16.00
CA SER A 135 21.97 8.09 -16.32
C SER A 135 22.30 9.49 -15.86
N ILE A 136 22.91 9.61 -14.70
CA ILE A 136 23.30 10.92 -14.24
C ILE A 136 24.35 11.48 -15.23
N PHE A 137 25.29 10.65 -15.62
CA PHE A 137 26.27 11.09 -16.58
C PHE A 137 25.66 11.54 -17.91
N HIS A 138 24.80 10.71 -18.50
CA HIS A 138 24.16 11.02 -19.78
C HIS A 138 23.37 12.33 -19.69
N LEU A 139 22.77 12.58 -18.57
CA LEU A 139 22.05 13.82 -18.40
C LEU A 139 23.04 14.99 -18.19
N PHE A 140 24.09 14.75 -17.44
CA PHE A 140 25.07 15.81 -17.21
C PHE A 140 25.65 16.36 -18.50
N VAL A 141 26.03 15.46 -19.40
CA VAL A 141 26.56 15.91 -20.66
C VAL A 141 25.51 16.11 -21.74
N HIS A 142 24.28 15.76 -21.41
CA HIS A 142 23.16 15.84 -22.32
C HIS A 142 23.40 15.12 -23.65
N ASP A 143 23.76 13.87 -23.58
CA ASP A 143 23.98 13.04 -24.77
C ASP A 143 22.59 12.70 -25.25
N GLU A 144 22.14 13.33 -26.31
CA GLU A 144 20.77 13.16 -26.81
C GLU A 144 20.29 11.74 -27.05
N ASN A 145 21.17 10.88 -27.51
CA ASN A 145 20.78 9.54 -27.76
C ASN A 145 20.46 8.78 -26.48
N TYR A 146 20.99 9.22 -25.35
CA TYR A 146 20.74 8.55 -24.09
C TYR A 146 19.85 9.35 -23.09
N VAL A 147 19.43 10.55 -23.44
CA VAL A 147 18.61 11.27 -22.51
C VAL A 147 17.27 10.58 -22.20
N PRO A 148 16.58 10.08 -23.19
CA PRO A 148 15.29 9.50 -22.87
C PRO A 148 15.41 8.31 -21.92
N THR A 149 16.27 7.35 -22.22
CA THR A 149 16.42 6.20 -21.34
C THR A 149 16.97 6.65 -19.97
N SER A 150 17.78 7.70 -19.93
CA SER A 150 18.26 8.16 -18.65
C SER A 150 17.10 8.63 -17.77
N PHE A 151 16.13 9.27 -18.38
CA PHE A 151 14.98 9.66 -17.61
C PHE A 151 14.12 8.45 -17.21
N LEU A 152 14.03 7.47 -18.08
CA LEU A 152 13.28 6.30 -17.68
C LEU A 152 13.93 5.70 -16.43
N VAL A 153 15.24 5.67 -16.42
CA VAL A 153 15.91 5.12 -15.27
C VAL A 153 15.70 5.96 -14.01
N LEU A 154 16.00 7.25 -14.10
CA LEU A 154 15.92 8.10 -12.91
C LEU A 154 14.51 8.37 -12.40
N ILE A 155 13.57 8.49 -13.31
CA ILE A 155 12.24 8.67 -12.87
C ILE A 155 11.83 7.47 -12.05
N GLN A 156 12.15 6.30 -12.50
CA GLN A 156 11.72 5.15 -11.75
C GLN A 156 12.50 4.92 -10.47
N MET A 157 13.80 5.08 -10.53
CA MET A 157 14.63 4.82 -9.36
C MET A 157 14.54 5.87 -8.25
N VAL A 158 14.04 7.01 -8.62
CA VAL A 158 13.89 8.08 -7.69
C VAL A 158 12.42 8.39 -7.36
N LEU A 159 11.69 8.83 -8.38
CA LEU A 159 10.32 9.25 -8.17
C LEU A 159 9.29 8.14 -7.98
N GLU A 160 9.33 7.15 -8.84
CA GLU A 160 8.40 6.05 -8.68
C GLU A 160 8.72 5.27 -7.39
N ALA A 161 10.00 5.23 -7.02
CA ALA A 161 10.42 4.60 -5.77
C ALA A 161 9.87 5.43 -4.61
N ALA A 162 9.86 6.74 -4.73
CA ALA A 162 9.24 7.55 -3.69
C ALA A 162 7.74 7.26 -3.60
N LYS A 163 7.10 7.12 -4.74
CA LYS A 163 5.68 6.89 -4.70
C LYS A 163 5.29 5.52 -4.14
N PHE A 164 6.11 4.51 -4.37
CA PHE A 164 5.75 3.16 -3.96
C PHE A 164 6.85 2.37 -3.25
N LYS A 165 6.58 1.94 -2.04
CA LYS A 165 7.52 1.18 -1.29
C LYS A 165 7.95 -0.09 -2.00
N PHE A 166 7.05 -0.66 -2.76
CA PHE A 166 7.40 -1.87 -3.50
C PHE A 166 8.56 -1.59 -4.47
N ILE A 167 8.48 -0.43 -5.14
CA ILE A 167 9.51 -0.04 -6.11
C ILE A 167 10.81 0.33 -5.39
N GLU A 168 10.68 1.01 -4.26
CA GLU A 168 11.85 1.31 -3.48
C GLU A 168 12.55 -0.01 -3.13
N GLN A 169 11.76 -0.98 -2.70
CA GLN A 169 12.31 -2.28 -2.33
C GLN A 169 13.01 -3.00 -3.49
N LYS A 170 12.49 -2.89 -4.69
CA LYS A 170 13.15 -3.48 -5.82
C LYS A 170 14.52 -2.86 -6.03
N VAL A 171 14.58 -1.55 -5.89
CA VAL A 171 15.83 -0.87 -6.08
C VAL A 171 16.78 -1.28 -4.94
N ILE A 172 16.31 -1.35 -3.72
CA ILE A 172 17.15 -1.80 -2.63
C ILE A 172 17.78 -3.18 -2.92
N HIS A 173 16.94 -4.08 -3.39
CA HIS A 173 17.44 -5.40 -3.72
C HIS A 173 18.55 -5.29 -4.78
N SER A 174 18.34 -4.42 -5.76
CA SER A 174 19.31 -4.25 -6.81
C SER A 174 20.66 -3.73 -6.31
N ILE A 175 20.60 -2.89 -5.29
CA ILE A 175 21.80 -2.35 -4.73
C ILE A 175 22.47 -3.39 -3.86
N MET A 176 21.72 -4.02 -2.98
CA MET A 176 22.32 -4.99 -2.10
C MET A 176 22.98 -6.17 -2.76
N ASP A 177 22.39 -6.64 -3.84
CA ASP A 177 22.88 -7.78 -4.57
C ASP A 177 23.66 -7.41 -5.84
N MET A 178 23.71 -6.13 -6.11
CA MET A 178 24.35 -5.62 -7.28
C MET A 178 23.83 -6.40 -8.47
N GLU A 179 22.52 -6.58 -8.51
CA GLU A 179 21.83 -7.30 -9.56
C GLU A 179 20.85 -6.38 -10.31
N ASP A 180 21.13 -6.08 -11.55
CA ASP A 180 20.28 -5.21 -12.33
C ASP A 180 18.99 -5.93 -12.64
N PHE A 181 17.96 -5.18 -12.98
CA PHE A 181 16.66 -5.74 -13.30
C PHE A 181 15.88 -4.86 -14.24
N THR A 182 14.86 -5.44 -14.86
CA THR A 182 13.94 -4.63 -15.66
C THR A 182 12.61 -4.73 -14.91
N PRO A 183 11.85 -3.69 -14.92
CA PRO A 183 10.59 -3.75 -14.25
C PRO A 183 9.65 -4.73 -14.91
N GLY A 184 8.92 -5.46 -14.09
CA GLY A 184 7.95 -6.39 -14.55
C GLY A 184 6.55 -5.83 -14.38
N LEU A 185 5.56 -6.67 -14.57
CA LEU A 185 4.18 -6.21 -14.47
C LEU A 185 3.83 -5.61 -13.10
N ALA A 186 4.40 -6.14 -12.05
CA ALA A 186 4.09 -5.61 -10.75
C ALA A 186 4.51 -4.14 -10.63
N MET A 187 5.74 -3.84 -10.99
CA MET A 187 6.20 -2.49 -10.92
C MET A 187 5.52 -1.56 -11.93
N LEU A 188 5.35 -2.06 -13.15
CA LEU A 188 4.73 -1.24 -14.14
C LEU A 188 3.27 -0.92 -13.82
N SER A 189 2.55 -1.88 -13.22
CA SER A 189 1.16 -1.67 -12.91
C SER A 189 0.99 -0.58 -11.83
N LEU A 190 2.00 -0.44 -10.98
CA LEU A 190 1.93 0.60 -10.00
C LEU A 190 2.13 1.96 -10.67
N GLU A 191 3.16 2.04 -11.50
CA GLU A 191 3.47 3.29 -12.14
C GLU A 191 2.28 3.74 -12.98
N GLU A 192 1.67 2.80 -13.67
CA GLU A 192 0.57 3.07 -14.53
C GLU A 192 -0.67 3.60 -13.83
N ASN A 193 -0.88 3.12 -12.63
CA ASN A 193 -2.06 3.42 -11.91
C ASN A 193 -1.98 4.37 -10.75
N TRP A 194 -0.86 5.04 -10.60
CA TRP A 194 -0.73 5.97 -9.49
C TRP A 194 -1.87 7.02 -9.44
N THR A 195 -2.14 7.66 -10.56
CA THR A 195 -3.20 8.66 -10.55
C THR A 195 -4.58 8.08 -10.33
N GLN A 196 -4.79 6.90 -10.90
CA GLN A 196 -6.07 6.22 -10.77
C GLN A 196 -6.29 5.76 -9.31
N LEU A 197 -5.25 5.25 -8.68
CA LEU A 197 -5.36 4.85 -7.29
C LEU A 197 -5.61 6.06 -6.39
N SER A 198 -5.00 7.16 -6.75
CA SER A 198 -5.18 8.39 -6.03
C SER A 198 -6.67 8.83 -6.09
N LEU A 199 -7.21 8.77 -7.28
CA LEU A 199 -8.60 9.16 -7.46
C LEU A 199 -9.54 8.21 -6.70
N GLN A 200 -9.31 6.90 -6.87
CA GLN A 200 -10.19 5.95 -6.20
C GLN A 200 -10.10 5.99 -4.68
N LEU A 201 -8.92 6.16 -4.16
CA LEU A 201 -8.80 6.24 -2.74
C LEU A 201 -9.59 7.44 -2.17
N GLN A 202 -9.42 8.56 -2.84
CA GLN A 202 -10.08 9.75 -2.38
C GLN A 202 -11.59 9.67 -2.56
N ALA A 203 -11.99 9.14 -3.68
CA ALA A 203 -13.39 8.99 -3.96
C ALA A 203 -14.08 8.03 -3.01
N SER A 204 -13.34 7.04 -2.53
CA SER A 204 -13.86 6.03 -1.64
C SER A 204 -14.33 6.51 -0.28
N GLU A 205 -14.01 7.74 0.05
CA GLU A 205 -14.44 8.32 1.31
C GLU A 205 -15.96 8.30 1.45
N SER A 206 -16.65 8.41 0.34
CA SER A 206 -18.09 8.42 0.34
C SER A 206 -18.72 7.05 0.21
N LEU A 207 -17.89 6.03 0.03
CA LEU A 207 -18.36 4.67 -0.16
C LEU A 207 -17.78 3.65 0.81
N ASN A 208 -17.53 4.07 2.03
CA ASN A 208 -17.01 3.17 3.06
C ASN A 208 -15.69 2.51 2.65
N GLY A 209 -14.88 3.21 1.88
CA GLY A 209 -13.59 2.72 1.47
C GLY A 209 -13.56 1.88 0.21
N VAL A 210 -14.70 1.74 -0.43
CA VAL A 210 -14.82 0.98 -1.63
C VAL A 210 -14.63 1.89 -2.83
N PHE A 211 -13.95 1.40 -3.83
CA PHE A 211 -13.66 2.21 -4.99
C PHE A 211 -14.81 2.27 -6.00
N GLY A 212 -14.77 3.24 -6.88
CA GLY A 212 -15.72 3.30 -7.96
C GLY A 212 -15.33 2.35 -9.11
N ASP A 213 -14.04 2.13 -9.25
CA ASP A 213 -13.52 1.24 -10.26
C ASP A 213 -12.41 0.39 -9.70
N SER A 214 -12.27 -0.81 -10.18
CA SER A 214 -11.20 -1.64 -9.75
C SER A 214 -9.90 -1.35 -10.50
N VAL A 215 -8.78 -1.50 -9.82
CA VAL A 215 -7.47 -1.31 -10.40
C VAL A 215 -6.69 -2.62 -10.33
N SER A 216 -6.09 -3.02 -11.43
CA SER A 216 -5.33 -4.23 -11.46
C SER A 216 -3.86 -4.04 -11.15
N LEU A 217 -3.42 -4.57 -10.02
CA LEU A 217 -2.04 -4.49 -9.62
C LEU A 217 -1.46 -5.90 -9.69
N TYR A 218 -0.40 -6.09 -10.44
CA TYR A 218 0.15 -7.41 -10.55
C TYR A 218 1.11 -7.74 -9.43
N ASN A 219 1.19 -9.02 -9.11
CA ASN A 219 2.15 -9.45 -8.14
C ASN A 219 3.42 -9.95 -8.86
N SER A 220 4.39 -10.38 -8.09
CA SER A 220 5.66 -10.86 -8.63
C SER A 220 5.58 -12.18 -9.43
N MET A 221 4.45 -12.85 -9.31
CA MET A 221 4.17 -14.04 -10.07
C MET A 221 3.35 -13.72 -11.35
N ASP A 222 3.23 -12.44 -11.63
CA ASP A 222 2.50 -12.01 -12.80
C ASP A 222 1.00 -12.29 -12.75
N GLU A 223 0.46 -12.37 -11.55
CA GLU A 223 -0.96 -12.55 -11.33
C GLU A 223 -1.62 -11.17 -11.04
N PRO A 224 -2.73 -10.84 -11.67
CA PRO A 224 -3.34 -9.56 -11.37
C PRO A 224 -4.21 -9.65 -10.17
N ILE A 225 -4.03 -8.72 -9.26
CA ILE A 225 -4.85 -8.62 -8.09
C ILE A 225 -5.76 -7.41 -8.26
N GLY A 226 -7.04 -7.64 -8.13
CA GLY A 226 -7.95 -6.57 -8.27
C GLY A 226 -8.04 -5.76 -7.01
N VAL A 227 -7.73 -4.49 -7.08
CA VAL A 227 -7.84 -3.63 -5.95
C VAL A 227 -9.00 -2.71 -6.17
N ASP A 228 -10.11 -3.04 -5.51
CA ASP A 228 -11.36 -2.31 -5.61
C ASP A 228 -11.82 -1.65 -4.30
N SER A 229 -10.88 -1.54 -3.37
CA SER A 229 -11.11 -0.90 -2.11
C SER A 229 -9.77 -0.53 -1.47
N MET A 230 -9.84 0.15 -0.34
CA MET A 230 -8.63 0.51 0.35
C MET A 230 -8.13 -0.61 1.25
N TYR A 231 -8.86 -1.70 1.26
CA TYR A 231 -8.54 -2.76 2.15
C TYR A 231 -7.54 -3.81 1.68
N TYR A 232 -6.59 -3.39 0.85
CA TYR A 232 -5.55 -4.28 0.34
C TYR A 232 -4.17 -3.82 0.83
N PRO A 233 -3.44 -4.64 1.53
CA PRO A 233 -2.13 -4.18 2.01
C PRO A 233 -1.16 -3.81 0.90
N ILE A 234 -1.33 -4.42 -0.26
CA ILE A 234 -0.46 -4.13 -1.39
C ILE A 234 -0.64 -2.72 -1.93
N LEU A 235 -1.66 -2.06 -1.44
CA LEU A 235 -1.89 -0.68 -1.76
C LEU A 235 -1.57 0.18 -0.57
N THR A 236 -2.27 -0.06 0.52
CA THR A 236 -2.17 0.81 1.67
C THR A 236 -0.88 0.85 2.44
N ALA A 237 -0.05 -0.16 2.30
CA ALA A 237 1.23 -0.17 2.90
C ALA A 237 2.32 0.02 1.84
N ASN A 238 1.94 0.44 0.65
CA ASN A 238 2.84 0.56 -0.46
C ASN A 238 2.91 1.96 -1.05
N MET A 239 1.76 2.46 -1.50
CA MET A 239 1.72 3.79 -2.09
C MET A 239 1.95 4.76 -0.95
N ALA A 240 3.03 5.53 -1.07
CA ALA A 240 3.46 6.48 -0.03
C ALA A 240 2.75 7.84 0.00
N PHE A 241 2.31 8.29 -1.14
CA PHE A 241 1.58 9.53 -1.26
C PHE A 241 0.73 9.46 -2.54
N GLN A 242 -0.25 10.36 -2.61
CA GLN A 242 -1.14 10.45 -3.72
C GLN A 242 -1.22 11.79 -4.41
N LEU A 243 -1.72 11.80 -5.62
CA LEU A 243 -1.99 13.00 -6.34
C LEU A 243 -3.33 13.55 -5.84
N TYR A 244 -3.43 14.86 -5.67
CA TYR A 244 -4.69 15.45 -5.28
C TYR A 244 -5.70 15.22 -6.39
N GLN A 245 -6.86 14.69 -6.04
CA GLN A 245 -7.88 14.42 -7.01
C GLN A 245 -9.28 14.90 -6.64
N CYS A 246 -9.67 14.77 -5.38
CA CYS A 246 -11.02 15.12 -4.97
C CYS A 246 -11.15 16.16 -3.89
N PRO A 247 -12.15 17.02 -4.01
CA PRO A 247 -12.29 18.04 -2.96
C PRO A 247 -12.28 17.45 -1.57
N GLU B 1 -19.82 12.30 -11.56
CA GLU B 1 -18.41 12.62 -11.43
C GLU B 1 -17.68 11.51 -10.66
N GLN B 2 -16.46 11.24 -11.10
CA GLN B 2 -15.64 10.20 -10.53
C GLN B 2 -15.33 10.34 -9.06
N CYS B 3 -15.38 11.52 -8.50
CA CYS B 3 -15.16 11.66 -7.07
C CYS B 3 -16.35 11.20 -6.24
N SER B 4 -17.48 10.96 -6.91
CA SER B 4 -18.69 10.55 -6.24
C SER B 4 -19.33 9.31 -6.86
N PRO B 5 -18.71 8.16 -6.68
CA PRO B 5 -19.26 6.92 -7.22
C PRO B 5 -20.63 6.64 -6.61
N GLN B 6 -21.58 6.24 -7.43
CA GLN B 6 -22.92 6.01 -6.94
C GLN B 6 -23.15 4.64 -6.32
N GLN B 7 -22.30 3.71 -6.66
CA GLN B 7 -22.38 2.38 -6.09
C GLN B 7 -21.26 1.49 -6.57
N ARG B 8 -21.02 0.40 -5.87
CA ARG B 8 -20.05 -0.55 -6.30
C ARG B 8 -20.40 -1.91 -5.69
N THR B 9 -20.43 -2.94 -6.51
CA THR B 9 -20.68 -4.30 -6.08
C THR B 9 -19.36 -5.03 -5.89
N THR B 10 -19.23 -5.70 -4.77
CA THR B 10 -18.02 -6.40 -4.47
C THR B 10 -18.34 -7.59 -3.53
N ARG B 11 -17.35 -8.30 -3.07
CA ARG B 11 -17.60 -9.36 -2.11
C ARG B 11 -17.00 -8.88 -0.78
N ILE B 12 -17.26 -9.62 0.29
CA ILE B 12 -16.68 -9.32 1.57
C ILE B 12 -16.16 -10.63 2.18
N SER B 13 -14.87 -10.68 2.43
CA SER B 13 -14.25 -11.87 3.00
C SER B 13 -13.59 -11.54 4.33
N GLY B 14 -13.52 -12.56 5.17
CA GLY B 14 -12.94 -12.37 6.47
C GLY B 14 -12.22 -13.57 7.03
N ARG B 15 -12.70 -14.00 8.18
CA ARG B 15 -12.09 -15.08 8.90
C ARG B 15 -11.90 -16.29 8.01
N ASP B 16 -10.67 -16.79 8.05
CA ASP B 16 -10.22 -17.93 7.31
C ASP B 16 -10.42 -17.80 5.80
N GLY B 17 -10.60 -16.59 5.33
CA GLY B 17 -10.81 -16.35 3.91
C GLY B 17 -12.20 -16.67 3.38
N LEU B 18 -13.15 -16.85 4.27
CA LEU B 18 -14.54 -17.13 3.89
C LEU B 18 -15.27 -15.84 3.58
N CYS B 19 -16.39 -15.99 2.88
CA CYS B 19 -17.15 -14.85 2.47
C CYS B 19 -18.47 -14.65 3.20
N VAL B 20 -18.91 -13.41 3.31
CA VAL B 20 -20.18 -13.03 3.93
C VAL B 20 -21.23 -13.42 2.90
N ASP B 21 -22.17 -14.25 3.36
CA ASP B 21 -23.16 -14.89 2.55
C ASP B 21 -24.56 -14.91 3.15
N VAL B 22 -25.54 -14.50 2.36
CA VAL B 22 -26.93 -14.56 2.80
C VAL B 22 -27.35 -16.03 2.63
N TYR B 23 -27.41 -16.75 3.73
CA TYR B 23 -27.67 -18.17 3.70
C TYR B 23 -28.84 -18.52 2.80
N GLY B 24 -28.59 -19.46 1.90
CA GLY B 24 -29.55 -19.96 0.97
C GLY B 24 -30.13 -18.98 -0.02
N ALA B 25 -29.53 -17.80 -0.06
CA ALA B 25 -30.04 -16.76 -0.90
C ALA B 25 -31.48 -16.40 -0.57
N LEU B 26 -31.84 -16.56 0.69
CA LEU B 26 -33.17 -16.23 1.14
C LEU B 26 -33.38 -14.72 1.19
N THR B 27 -34.55 -14.25 0.82
CA THR B 27 -34.82 -12.83 0.80
C THR B 27 -35.75 -12.28 1.86
N ALA B 28 -36.37 -13.14 2.62
CA ALA B 28 -37.24 -12.65 3.65
C ALA B 28 -36.53 -11.74 4.62
N ASP B 29 -37.21 -10.73 5.13
CA ASP B 29 -36.62 -9.85 6.11
C ASP B 29 -36.16 -10.71 7.27
N GLY B 30 -34.98 -10.46 7.75
CA GLY B 30 -34.43 -11.21 8.85
C GLY B 30 -33.62 -12.44 8.46
N SER B 31 -33.48 -12.65 7.17
CA SER B 31 -32.68 -13.77 6.65
C SER B 31 -31.23 -13.59 7.14
N ARG B 32 -30.68 -14.62 7.76
CA ARG B 32 -29.36 -14.50 8.34
C ARG B 32 -28.22 -14.57 7.38
N VAL B 33 -27.11 -14.00 7.82
CA VAL B 33 -25.88 -13.97 7.05
C VAL B 33 -24.88 -14.90 7.78
N ILE B 34 -24.09 -15.62 7.03
CA ILE B 34 -23.11 -16.54 7.56
C ILE B 34 -21.78 -16.39 6.82
N LEU B 35 -20.81 -17.19 7.21
CA LEU B 35 -19.57 -17.27 6.49
C LEU B 35 -19.66 -18.59 5.66
N TYR B 36 -19.21 -18.54 4.42
CA TYR B 36 -19.26 -19.69 3.54
C TYR B 36 -18.15 -19.55 2.49
N PRO B 37 -17.66 -20.63 1.95
CA PRO B 37 -16.61 -20.57 0.95
C PRO B 37 -17.00 -19.60 -0.15
N CYS B 38 -16.06 -18.75 -0.54
CA CYS B 38 -16.28 -17.76 -1.53
C CYS B 38 -16.61 -18.31 -2.89
N GLY B 39 -17.54 -17.65 -3.57
CA GLY B 39 -17.94 -18.01 -4.91
C GLY B 39 -18.51 -16.83 -5.68
N GLN B 40 -19.10 -17.11 -6.84
CA GLN B 40 -19.67 -16.05 -7.65
C GLN B 40 -21.19 -15.83 -7.47
N GLN B 41 -21.79 -16.59 -6.59
CA GLN B 41 -23.22 -16.53 -6.33
C GLN B 41 -23.71 -15.14 -5.90
N GLN B 42 -24.91 -14.79 -6.29
CA GLN B 42 -25.45 -13.47 -5.99
C GLN B 42 -25.58 -13.14 -4.52
N ASN B 43 -25.79 -14.17 -3.72
CA ASN B 43 -25.94 -14.00 -2.30
C ASN B 43 -24.62 -13.69 -1.54
N GLN B 44 -23.56 -13.55 -2.31
CA GLN B 44 -22.25 -13.15 -1.80
C GLN B 44 -21.81 -11.80 -2.43
N GLN B 45 -22.71 -11.19 -3.19
CA GLN B 45 -22.40 -9.92 -3.81
C GLN B 45 -23.02 -8.83 -2.98
N TRP B 46 -22.19 -7.91 -2.52
CA TRP B 46 -22.60 -6.82 -1.71
C TRP B 46 -22.40 -5.49 -2.43
N THR B 47 -23.46 -4.71 -2.52
CA THR B 47 -23.39 -3.42 -3.18
C THR B 47 -23.38 -2.31 -2.14
N PHE B 48 -22.37 -1.47 -2.26
CA PHE B 48 -22.18 -0.36 -1.38
C PHE B 48 -22.69 0.91 -2.01
N TYR B 49 -23.42 1.70 -1.22
CA TYR B 49 -24.01 2.98 -1.63
C TYR B 49 -23.61 4.12 -0.69
N PRO B 50 -23.66 5.34 -1.18
CA PRO B 50 -23.28 6.51 -0.38
C PRO B 50 -24.17 6.80 0.84
N ASP B 51 -25.24 6.05 0.99
CA ASP B 51 -26.08 6.17 2.13
C ASP B 51 -25.65 5.27 3.31
N ASN B 52 -24.48 4.69 3.20
CA ASN B 52 -23.99 3.83 4.24
C ASN B 52 -24.73 2.50 4.35
N THR B 53 -25.36 2.09 3.26
CA THR B 53 -25.98 0.80 3.19
C THR B 53 -25.08 -0.16 2.41
N ILE B 54 -25.22 -1.44 2.73
CA ILE B 54 -24.47 -2.55 2.14
C ILE B 54 -25.53 -3.59 1.82
N ARG B 55 -25.77 -3.82 0.54
CA ARG B 55 -26.87 -4.67 0.14
C ARG B 55 -26.58 -5.91 -0.66
N SER B 56 -27.43 -6.91 -0.46
CA SER B 56 -27.36 -8.11 -1.28
C SER B 56 -28.81 -8.56 -1.56
N LEU B 57 -29.04 -9.08 -2.74
CA LEU B 57 -30.35 -9.53 -3.13
C LEU B 57 -31.40 -8.42 -3.01
N GLY B 58 -30.94 -7.19 -3.10
CA GLY B 58 -31.79 -6.03 -2.98
C GLY B 58 -32.13 -5.55 -1.59
N LYS B 59 -31.61 -6.24 -0.58
CA LYS B 59 -31.88 -5.89 0.80
C LYS B 59 -30.63 -5.48 1.57
N CYS B 60 -30.82 -4.94 2.73
CA CYS B 60 -29.75 -4.40 3.50
C CYS B 60 -29.19 -5.20 4.65
N LEU B 61 -27.87 -5.28 4.71
CA LEU B 61 -27.21 -5.92 5.82
C LEU B 61 -27.54 -5.10 7.06
N ALA B 62 -27.84 -5.78 8.16
CA ALA B 62 -28.16 -5.10 9.39
C ALA B 62 -28.02 -5.95 10.60
N THR B 63 -27.81 -5.32 11.73
CA THR B 63 -27.80 -6.05 12.95
C THR B 63 -29.27 -6.31 13.29
N SER B 64 -29.53 -7.20 14.25
CA SER B 64 -30.90 -7.56 14.59
C SER B 64 -31.26 -7.32 16.07
N ALA B 65 -30.39 -6.66 16.79
CA ALA B 65 -30.63 -6.35 18.18
C ALA B 65 -29.68 -5.26 18.63
N LEU B 66 -30.03 -4.60 19.61
CA LEU B 66 -29.18 -3.61 20.20
C LEU B 66 -28.07 -4.25 21.03
N SER B 67 -28.28 -5.31 21.66
CA SER B 67 -27.26 -5.94 22.45
C SER B 67 -26.51 -6.95 21.62
N SER B 68 -25.35 -7.31 22.10
CA SER B 68 -24.52 -8.22 21.41
C SER B 68 -25.07 -9.64 21.36
N GLY B 69 -24.62 -10.42 20.41
CA GLY B 69 -25.00 -11.80 20.38
C GLY B 69 -26.04 -12.26 19.42
N SER B 70 -26.70 -11.34 18.74
CA SER B 70 -27.71 -11.67 17.76
C SER B 70 -27.21 -11.65 16.33
N ASN B 71 -27.88 -12.35 15.47
CA ASN B 71 -27.44 -12.45 14.13
C ASN B 71 -27.46 -11.16 13.35
N VAL B 72 -26.61 -11.14 12.36
CA VAL B 72 -26.61 -10.11 11.37
C VAL B 72 -27.48 -10.71 10.25
N VAL B 73 -28.28 -9.88 9.66
CA VAL B 73 -29.22 -10.31 8.65
C VAL B 73 -29.35 -9.35 7.48
N ILE B 74 -30.28 -9.64 6.59
CA ILE B 74 -30.63 -8.70 5.54
C ILE B 74 -32.09 -8.34 5.79
N THR B 75 -32.43 -7.10 5.50
CA THR B 75 -33.77 -6.63 5.73
C THR B 75 -34.17 -5.50 4.78
N ASN B 76 -35.45 -5.25 4.66
CA ASN B 76 -35.96 -4.20 3.77
C ASN B 76 -35.24 -2.90 4.07
N CYS B 77 -34.66 -2.28 3.06
CA CYS B 77 -33.93 -1.05 3.26
C CYS B 77 -34.80 0.10 3.76
N ASP B 78 -36.06 0.05 3.38
CA ASP B 78 -37.00 1.06 3.82
C ASP B 78 -37.11 1.13 5.32
N TYR B 79 -36.79 0.05 6.00
CA TYR B 79 -36.83 0.07 7.46
C TYR B 79 -35.64 0.79 8.06
N LEU B 80 -34.68 1.15 7.24
CA LEU B 80 -33.47 1.80 7.71
C LEU B 80 -33.34 3.21 7.18
N ARG B 81 -34.42 3.74 6.67
CA ARG B 81 -34.46 5.09 6.12
C ARG B 81 -33.97 6.15 7.09
N TYR B 82 -34.31 5.99 8.35
CA TYR B 82 -33.93 6.95 9.38
C TYR B 82 -32.72 6.44 10.17
N ASP B 83 -31.92 5.60 9.52
CA ASP B 83 -30.76 4.99 10.14
C ASP B 83 -29.44 5.44 9.54
N ASP B 84 -28.47 5.63 10.42
CA ASP B 84 -27.14 6.06 10.05
C ASP B 84 -26.36 5.03 9.21
N GLY B 85 -26.57 3.74 9.48
CA GLY B 85 -25.91 2.69 8.74
C GLY B 85 -24.61 2.11 9.23
N TRP B 86 -23.80 1.63 8.31
CA TRP B 86 -22.55 1.04 8.68
C TRP B 86 -21.39 1.98 8.42
N MET B 87 -20.36 1.85 9.23
CA MET B 87 -19.15 2.58 9.06
C MET B 87 -18.01 1.56 9.11
N VAL B 88 -17.18 1.53 8.10
CA VAL B 88 -16.06 0.64 8.03
C VAL B 88 -14.78 1.40 8.32
N SER B 89 -14.01 0.91 9.26
CA SER B 89 -12.78 1.54 9.65
C SER B 89 -11.69 1.23 8.67
N SER B 90 -10.62 1.99 8.74
CA SER B 90 -9.54 1.78 7.82
C SER B 90 -8.88 0.43 7.99
N SER B 91 -9.08 -0.20 9.15
CA SER B 91 -8.57 -1.52 9.43
C SER B 91 -9.56 -2.69 9.15
N GLY B 92 -10.69 -2.39 8.55
CA GLY B 92 -11.62 -3.44 8.25
C GLY B 92 -12.63 -3.82 9.30
N THR B 93 -12.84 -2.96 10.28
CA THR B 93 -13.88 -3.21 11.26
C THR B 93 -15.16 -2.67 10.68
N MET B 94 -16.23 -3.47 10.68
CA MET B 94 -17.52 -3.07 10.13
C MET B 94 -18.46 -2.84 11.31
N MET B 95 -18.81 -1.60 11.52
CA MET B 95 -19.58 -1.20 12.70
C MET B 95 -20.90 -0.52 12.43
N ASN B 96 -21.92 -0.91 13.20
CA ASN B 96 -23.21 -0.27 13.13
C ASN B 96 -22.98 1.08 13.86
N LYS B 97 -23.19 2.16 13.14
CA LYS B 97 -22.92 3.49 13.67
C LYS B 97 -23.64 3.89 14.96
N SER B 98 -24.84 3.41 15.09
CA SER B 98 -25.66 3.73 16.21
C SER B 98 -25.37 2.89 17.43
N SER B 99 -25.33 1.57 17.27
CA SER B 99 -25.10 0.67 18.37
C SER B 99 -23.67 0.34 18.70
N HIS B 100 -22.80 0.56 17.75
CA HIS B 100 -21.41 0.25 17.90
C HIS B 100 -21.05 -1.23 17.82
N LEU B 101 -22.04 -2.10 17.59
CA LEU B 101 -21.72 -3.50 17.44
C LEU B 101 -21.00 -3.69 16.11
N VAL B 102 -20.16 -4.69 16.03
CA VAL B 102 -19.42 -4.95 14.82
C VAL B 102 -19.66 -6.36 14.30
N LEU B 103 -19.54 -6.49 12.98
CA LEU B 103 -19.69 -7.74 12.28
C LEU B 103 -18.66 -8.73 12.82
N THR B 104 -19.12 -9.87 13.31
CA THR B 104 -18.25 -10.84 13.87
C THR B 104 -18.58 -12.30 13.54
N ALA B 105 -17.55 -13.13 13.32
CA ALA B 105 -17.68 -14.61 13.12
C ALA B 105 -17.19 -15.13 14.49
N ASN B 106 -18.08 -15.22 15.45
CA ASN B 106 -17.74 -15.50 16.83
C ASN B 106 -17.47 -16.87 17.35
N ALA B 107 -17.91 -17.88 16.67
CA ALA B 107 -17.72 -19.23 17.15
C ALA B 107 -16.31 -19.80 17.07
N ALA B 108 -16.12 -21.01 17.59
CA ALA B 108 -14.85 -21.69 17.52
C ALA B 108 -14.54 -22.20 16.11
N THR B 109 -15.51 -22.12 15.24
CA THR B 109 -15.31 -22.47 13.88
C THR B 109 -15.82 -21.26 13.07
N SER B 110 -15.22 -21.02 11.94
CA SER B 110 -15.67 -19.94 11.09
C SER B 110 -16.94 -20.34 10.28
N ARG B 111 -17.26 -21.63 10.16
CA ARG B 111 -18.49 -22.12 9.46
C ARG B 111 -19.60 -21.78 10.46
N THR B 112 -19.99 -20.54 10.50
CA THR B 112 -20.89 -20.08 11.49
C THR B 112 -21.78 -18.90 11.12
N ASN B 113 -22.80 -18.64 11.91
CA ASN B 113 -23.63 -17.45 11.77
C ASN B 113 -22.77 -16.21 12.10
N LEU B 114 -22.98 -15.12 11.40
CA LEU B 114 -22.36 -13.88 11.72
C LEU B 114 -23.28 -13.15 12.71
N THR B 115 -22.69 -12.50 13.69
CA THR B 115 -23.42 -11.77 14.69
C THR B 115 -22.85 -10.37 14.88
N GLY B 116 -23.59 -9.54 15.60
CA GLY B 116 -23.18 -8.20 15.98
C GLY B 116 -22.65 -8.33 17.40
N GLU B 117 -21.39 -8.05 17.59
CA GLU B 117 -20.76 -8.17 18.89
C GLU B 117 -19.97 -6.94 19.32
N ASN B 118 -19.60 -6.87 20.59
CA ASN B 118 -18.81 -5.76 21.02
C ASN B 118 -17.44 -5.86 20.37
N ASN B 119 -16.91 -4.75 19.93
CA ASN B 119 -15.62 -4.79 19.31
C ASN B 119 -14.46 -4.97 20.25
N VAL B 120 -13.64 -5.96 19.98
CA VAL B 120 -12.41 -6.16 20.73
C VAL B 120 -11.19 -6.29 19.80
N PHE B 121 -11.40 -5.95 18.54
CA PHE B 121 -10.34 -6.01 17.56
C PHE B 121 -9.81 -7.42 17.28
N ALA B 122 -10.65 -8.41 17.46
CA ALA B 122 -10.25 -9.75 17.16
C ALA B 122 -10.13 -9.98 15.66
N ALA B 123 -9.38 -10.98 15.25
CA ALA B 123 -9.26 -11.28 13.84
C ALA B 123 -10.63 -11.68 13.29
N LYS B 124 -11.45 -12.25 14.14
CA LYS B 124 -12.79 -12.66 13.78
C LYS B 124 -13.78 -11.49 13.60
N GLN B 125 -13.24 -10.28 13.75
CA GLN B 125 -13.97 -9.04 13.58
C GLN B 125 -13.29 -8.18 12.48
N ALA B 126 -12.43 -8.79 11.71
CA ALA B 126 -11.69 -8.11 10.64
C ALA B 126 -12.15 -8.58 9.27
N TRP B 127 -12.36 -7.63 8.39
CA TRP B 127 -12.87 -7.92 7.10
C TRP B 127 -12.13 -7.22 5.97
N ARG B 128 -12.12 -7.89 4.83
CA ARG B 128 -11.60 -7.32 3.60
C ARG B 128 -12.77 -7.15 2.62
N ILE B 129 -13.15 -5.92 2.38
CA ILE B 129 -14.18 -5.66 1.42
C ILE B 129 -13.42 -5.59 0.08
N GLY B 130 -13.85 -6.39 -0.86
CA GLY B 130 -13.20 -6.47 -2.12
C GLY B 130 -13.49 -7.75 -2.90
N ASN B 131 -13.46 -7.66 -4.21
CA ASN B 131 -13.75 -8.81 -5.00
C ASN B 131 -12.69 -9.89 -4.97
N TYR B 132 -11.43 -9.51 -4.81
CA TYR B 132 -10.30 -10.43 -4.76
C TYR B 132 -10.20 -10.87 -3.31
N VAL B 133 -10.57 -12.11 -3.08
CA VAL B 133 -10.64 -12.61 -1.73
C VAL B 133 -9.51 -13.51 -1.27
N GLU B 134 -8.59 -13.83 -2.14
CA GLU B 134 -7.52 -14.70 -1.81
C GLU B 134 -6.46 -14.10 -0.90
N PRO B 135 -5.76 -14.99 -0.23
CA PRO B 135 -4.66 -14.54 0.60
C PRO B 135 -3.62 -13.98 -0.32
N ILE B 136 -2.91 -13.00 0.15
CA ILE B 136 -1.88 -12.38 -0.63
C ILE B 136 -0.55 -12.88 -0.16
N VAL B 137 0.19 -13.50 -1.06
CA VAL B 137 1.49 -14.07 -0.73
C VAL B 137 2.59 -13.05 -0.80
N THR B 138 3.33 -12.93 0.27
CA THR B 138 4.34 -11.91 0.28
C THR B 138 5.52 -12.24 1.19
N THR B 139 6.57 -11.46 1.08
CA THR B 139 7.64 -11.48 2.03
C THR B 139 7.42 -10.20 2.85
N ILE B 140 7.95 -10.19 4.07
CA ILE B 140 7.80 -9.05 4.98
C ILE B 140 9.22 -8.64 5.38
N ILE B 141 9.58 -7.45 4.96
CA ILE B 141 10.90 -6.93 5.15
C ILE B 141 10.99 -5.93 6.29
N GLY B 142 11.99 -6.12 7.10
CA GLY B 142 12.20 -5.29 8.24
C GLY B 142 13.62 -4.79 8.44
N LEU B 143 14.01 -4.59 9.69
CA LEU B 143 15.32 -4.03 10.01
C LEU B 143 16.47 -4.67 9.26
N ARG B 144 17.44 -3.88 8.84
CA ARG B 144 18.59 -4.33 8.13
C ARG B 144 18.24 -4.99 6.81
N HIS B 145 17.08 -4.65 6.31
CA HIS B 145 16.63 -5.17 5.05
C HIS B 145 16.50 -6.69 5.04
N MET B 146 16.20 -7.23 6.20
CA MET B 146 16.01 -8.65 6.38
C MET B 146 14.53 -9.04 6.28
N CYS B 147 14.29 -10.33 6.21
CA CYS B 147 12.97 -10.88 6.02
C CYS B 147 12.47 -11.67 7.21
N LEU B 148 11.21 -11.56 7.54
CA LEU B 148 10.66 -12.35 8.63
C LEU B 148 10.61 -13.79 8.13
N GLU B 149 11.01 -14.71 8.97
CA GLU B 149 11.04 -16.11 8.66
C GLU B 149 10.41 -16.96 9.77
N ALA B 150 9.65 -17.96 9.37
CA ALA B 150 9.03 -18.89 10.30
C ALA B 150 10.10 -19.92 10.68
N THR B 151 10.37 -20.03 11.98
CA THR B 151 11.40 -20.88 12.48
C THR B 151 10.98 -21.88 13.55
N ASP B 152 11.90 -22.75 13.91
CA ASP B 152 11.64 -23.74 14.92
C ASP B 152 10.36 -24.51 14.64
N ASN B 153 10.34 -25.18 13.50
CA ASN B 153 9.18 -25.94 13.11
C ASN B 153 7.88 -25.15 13.19
N ASP B 154 7.93 -23.95 12.64
CA ASP B 154 6.79 -23.07 12.59
C ASP B 154 6.22 -22.65 13.95
N THR B 155 7.09 -22.41 14.91
CA THR B 155 6.65 -21.96 16.21
C THR B 155 7.18 -20.56 16.58
N ASN B 156 8.26 -20.17 15.96
CA ASN B 156 8.84 -18.86 16.20
C ASN B 156 9.02 -18.06 14.90
N VAL B 157 9.39 -16.82 15.05
CA VAL B 157 9.60 -15.97 13.91
C VAL B 157 10.64 -14.92 14.24
N TRP B 158 11.53 -14.68 13.31
CA TRP B 158 12.55 -13.67 13.46
C TRP B 158 13.11 -13.25 12.12
N LEU B 159 14.00 -12.29 12.10
CA LEU B 159 14.55 -11.86 10.84
C LEU B 159 15.79 -12.64 10.39
N GLU B 160 15.86 -12.93 9.11
CA GLU B 160 17.00 -13.56 8.51
C GLU B 160 17.23 -12.88 7.14
N SER B 161 18.43 -13.02 6.59
CA SER B 161 18.70 -12.43 5.30
C SER B 161 17.73 -12.99 4.28
N CYS B 162 17.24 -12.13 3.43
CA CYS B 162 16.30 -12.51 2.43
C CYS B 162 16.90 -13.47 1.40
N VAL B 163 16.19 -14.54 1.08
CA VAL B 163 16.62 -15.52 0.09
C VAL B 163 15.42 -15.80 -0.78
N LYS B 164 15.52 -15.48 -2.06
CA LYS B 164 14.38 -15.65 -2.92
C LYS B 164 13.88 -17.07 -2.92
N ASN B 165 12.58 -17.21 -2.80
CA ASN B 165 11.97 -18.52 -2.81
C ASN B 165 12.27 -19.41 -1.61
N LYS B 166 12.82 -18.85 -0.52
CA LYS B 166 13.08 -19.66 0.67
C LYS B 166 11.70 -19.74 1.28
N THR B 167 11.16 -20.95 1.31
CA THR B 167 9.82 -21.23 1.66
C THR B 167 9.31 -20.57 2.93
N LYS B 168 10.11 -20.67 3.98
CA LYS B 168 9.70 -20.14 5.23
C LYS B 168 9.71 -18.64 5.39
N GLN B 169 10.15 -17.95 4.35
CA GLN B 169 10.11 -16.49 4.36
C GLN B 169 8.83 -15.94 3.69
N TYR B 170 7.91 -16.81 3.32
CA TYR B 170 6.68 -16.38 2.66
C TYR B 170 5.51 -16.44 3.60
N TRP B 171 4.69 -15.40 3.54
CA TRP B 171 3.53 -15.23 4.37
C TRP B 171 2.28 -15.00 3.54
N ALA B 172 1.19 -15.49 4.04
CA ALA B 172 -0.06 -15.32 3.40
C ALA B 172 -0.90 -14.34 4.17
N LEU B 173 -1.18 -13.20 3.59
CA LEU B 173 -2.00 -12.21 4.22
C LEU B 173 -3.49 -12.47 3.93
N TYR B 174 -4.22 -12.80 4.97
CA TYR B 174 -5.60 -13.16 4.87
C TYR B 174 -6.54 -12.01 5.07
N SER B 175 -7.78 -12.21 4.66
CA SER B 175 -8.82 -11.20 4.75
C SER B 175 -9.22 -10.78 6.16
N ASP B 176 -8.85 -11.62 7.11
CA ASP B 176 -9.13 -11.34 8.50
C ASP B 176 -7.95 -10.69 9.20
N ASP B 177 -7.04 -10.16 8.43
CA ASP B 177 -5.88 -9.50 9.00
C ASP B 177 -4.86 -10.44 9.69
N THR B 178 -4.97 -11.73 9.42
CA THR B 178 -3.96 -12.60 9.91
C THR B 178 -2.79 -12.69 8.94
N ILE B 179 -1.65 -13.04 9.50
CA ILE B 179 -0.42 -13.24 8.77
C ILE B 179 -0.09 -14.71 8.97
N ARG B 180 -0.27 -15.48 7.91
CA ARG B 180 -0.09 -16.93 7.98
C ARG B 180 1.12 -17.54 7.31
N VAL B 181 1.59 -18.65 7.87
CA VAL B 181 2.74 -19.34 7.33
C VAL B 181 2.25 -19.79 5.95
N ASN B 182 2.92 -19.35 4.91
CA ASN B 182 2.45 -19.65 3.58
C ASN B 182 2.18 -21.11 3.26
N ASN B 183 3.10 -21.94 3.70
CA ASN B 183 2.93 -23.37 3.47
C ASN B 183 2.26 -24.15 4.57
N ASN B 184 1.72 -23.46 5.56
CA ASN B 184 0.90 -24.10 6.56
C ASN B 184 -0.07 -23.06 7.05
N ARG B 185 -1.14 -22.89 6.28
CA ARG B 185 -2.10 -21.88 6.52
C ARG B 185 -3.01 -22.00 7.73
N ASN B 186 -2.74 -22.97 8.56
CA ASN B 186 -3.46 -23.08 9.80
C ASN B 186 -2.68 -22.39 10.92
N LEU B 187 -1.50 -21.86 10.62
CA LEU B 187 -0.62 -21.21 11.60
C LEU B 187 -0.52 -19.71 11.33
N CYS B 188 -0.64 -18.96 12.41
CA CYS B 188 -0.68 -17.52 12.34
C CYS B 188 0.34 -16.85 13.24
N VAL B 189 0.85 -15.71 12.83
CA VAL B 189 1.73 -14.90 13.65
C VAL B 189 0.88 -14.35 14.78
N SER B 190 1.38 -14.51 16.00
CA SER B 190 0.63 -14.16 17.15
C SER B 190 1.40 -13.42 18.23
N SER B 191 0.74 -12.47 18.84
CA SER B 191 1.36 -11.78 19.93
C SER B 191 1.34 -12.76 21.11
N SER B 192 2.17 -12.52 22.09
CA SER B 192 2.23 -13.42 23.20
C SER B 192 0.92 -13.67 23.95
N THR B 193 0.71 -14.90 24.38
CA THR B 193 -0.43 -15.26 25.21
C THR B 193 -0.02 -15.36 26.67
N ASP B 194 1.27 -15.18 26.95
CA ASP B 194 1.82 -15.21 28.32
C ASP B 194 2.19 -13.78 28.71
N SER B 195 1.55 -13.23 29.72
CA SER B 195 1.77 -11.86 30.08
C SER B 195 3.22 -11.53 30.48
N SER B 196 3.97 -12.57 30.81
CA SER B 196 5.36 -12.35 31.17
C SER B 196 6.29 -12.11 29.97
N SER B 197 5.80 -12.40 28.79
CA SER B 197 6.59 -12.24 27.60
C SER B 197 5.96 -11.33 26.57
N LYS B 198 6.78 -10.56 25.88
CA LYS B 198 6.26 -9.74 24.80
C LYS B 198 6.60 -10.35 23.43
N LEU B 199 7.17 -11.53 23.44
CA LEU B 199 7.58 -12.17 22.23
C LEU B 199 6.48 -12.59 21.28
N ILE B 200 6.64 -12.21 20.01
CA ILE B 200 5.75 -12.63 18.95
C ILE B 200 6.18 -14.01 18.49
N VAL B 201 5.19 -14.87 18.31
CA VAL B 201 5.43 -16.24 17.96
C VAL B 201 4.45 -16.72 16.87
N ILE B 202 4.43 -18.02 16.58
CA ILE B 202 3.51 -18.58 15.61
C ILE B 202 2.68 -19.64 16.34
N ARG B 203 1.37 -19.53 16.22
CA ARG B 203 0.45 -20.43 16.86
C ARG B 203 -0.70 -20.82 15.91
N ARG B 204 -1.45 -21.81 16.32
CA ARG B 204 -2.58 -22.20 15.53
C ARG B 204 -3.57 -21.06 15.44
N CYS B 205 -4.11 -20.80 14.24
CA CYS B 205 -5.07 -19.76 14.06
C CYS B 205 -6.27 -19.99 14.93
N ASP B 206 -6.73 -18.94 15.60
CA ASP B 206 -7.86 -19.03 16.48
C ASP B 206 -8.77 -17.83 16.52
N GLY B 207 -8.58 -16.91 15.60
CA GLY B 207 -9.40 -15.73 15.50
C GLY B 207 -9.21 -14.62 16.55
N SER B 208 -8.23 -14.81 17.38
CA SER B 208 -8.01 -13.89 18.46
C SER B 208 -7.45 -12.51 18.14
N ILE B 209 -7.48 -11.66 19.14
CA ILE B 209 -6.93 -10.35 19.05
C ILE B 209 -5.42 -10.45 18.80
N ASN B 210 -4.82 -11.48 19.36
CA ASN B 210 -3.38 -11.67 19.26
C ASN B 210 -2.91 -11.88 17.83
N GLN B 211 -3.83 -12.28 16.98
CA GLN B 211 -3.50 -12.62 15.64
C GLN B 211 -3.96 -11.64 14.54
N ARG B 212 -4.48 -10.49 14.95
CA ARG B 212 -4.96 -9.50 14.01
C ARG B 212 -3.91 -8.42 13.83
N TRP B 213 -3.44 -8.26 12.60
CA TRP B 213 -2.39 -7.31 12.29
C TRP B 213 -2.78 -6.38 11.15
N VAL B 214 -2.48 -5.11 11.33
CA VAL B 214 -2.82 -4.11 10.37
C VAL B 214 -1.56 -3.49 9.82
N PHE B 215 -1.37 -3.50 8.51
CA PHE B 215 -0.21 -2.90 7.86
C PHE B 215 -0.64 -1.46 7.62
N THR B 216 -0.07 -0.58 8.40
CA THR B 216 -0.43 0.82 8.35
C THR B 216 0.31 1.63 7.30
N PRO B 217 -0.23 2.75 6.90
CA PRO B 217 0.44 3.52 5.88
C PRO B 217 1.76 4.09 6.40
N GLN B 218 1.86 4.28 7.70
CA GLN B 218 3.06 4.79 8.32
C GLN B 218 4.18 3.76 8.43
N GLY B 219 3.91 2.56 7.95
CA GLY B 219 4.92 1.56 7.92
C GLY B 219 5.08 0.58 9.04
N THR B 220 4.12 0.58 9.93
CA THR B 220 4.18 -0.32 11.04
C THR B 220 3.24 -1.48 10.81
N ILE B 221 3.38 -2.52 11.64
CA ILE B 221 2.49 -3.71 11.65
C ILE B 221 1.85 -3.60 13.03
N SER B 222 0.62 -3.15 13.02
CA SER B 222 -0.07 -2.87 14.22
C SER B 222 -1.06 -3.90 14.73
N ASN B 223 -1.11 -4.05 16.05
CA ASN B 223 -2.10 -4.92 16.65
C ASN B 223 -3.10 -3.97 17.29
N PRO B 224 -4.19 -3.65 16.64
CA PRO B 224 -5.08 -2.62 17.18
C PRO B 224 -5.69 -2.89 18.53
N GLY B 225 -5.97 -4.12 18.79
CA GLY B 225 -6.57 -4.43 20.07
C GLY B 225 -5.64 -4.17 21.21
N TYR B 226 -4.38 -4.40 20.98
CA TYR B 226 -3.37 -4.22 22.02
C TYR B 226 -2.64 -2.88 21.93
N GLU B 227 -3.07 -2.04 21.00
CA GLU B 227 -2.52 -0.71 20.81
C GLU B 227 -1.00 -0.74 20.80
N ALA B 228 -0.47 -1.63 20.00
CA ALA B 228 0.94 -1.81 19.90
C ALA B 228 1.35 -2.26 18.51
N VAL B 229 2.65 -2.32 18.27
CA VAL B 229 3.18 -2.69 16.96
C VAL B 229 4.33 -3.69 17.02
N MET B 230 4.61 -4.36 15.92
CA MET B 230 5.71 -5.29 15.85
C MET B 230 7.03 -4.52 15.87
N ASP B 231 7.98 -5.02 16.60
CA ASP B 231 9.25 -4.38 16.78
C ASP B 231 10.37 -5.41 16.93
N VAL B 232 11.55 -5.05 16.49
CA VAL B 232 12.70 -5.89 16.59
C VAL B 232 13.28 -5.63 17.97
N ALA B 233 13.39 -6.66 18.75
CA ALA B 233 13.89 -6.52 20.11
C ALA B 233 15.22 -5.75 20.18
N GLN B 234 15.25 -4.68 20.95
CA GLN B 234 16.41 -3.83 21.13
C GLN B 234 17.01 -3.31 19.81
N ASN B 235 16.23 -3.30 18.77
CA ASN B 235 16.72 -2.90 17.47
C ASN B 235 17.93 -3.71 17.05
N ASP B 236 17.94 -4.95 17.46
CA ASP B 236 19.04 -5.85 17.16
C ASP B 236 18.55 -7.15 16.51
N VAL B 237 18.72 -7.24 15.20
CA VAL B 237 18.26 -8.42 14.51
C VAL B 237 18.89 -9.72 14.96
N TYR B 238 20.06 -9.64 15.54
CA TYR B 238 20.76 -10.85 15.96
C TYR B 238 20.23 -11.50 17.23
N LEU B 239 19.36 -10.78 17.90
CA LEU B 239 18.72 -11.35 19.06
C LEU B 239 17.62 -12.37 18.68
N LYS B 240 17.22 -12.37 17.41
CA LYS B 240 16.22 -13.30 16.97
C LYS B 240 14.92 -13.25 17.78
N LYS B 241 14.50 -12.04 18.05
CA LYS B 241 13.30 -11.80 18.76
C LYS B 241 12.56 -10.59 18.23
N ILE B 242 11.28 -10.79 17.93
CA ILE B 242 10.37 -9.78 17.48
C ILE B 242 9.35 -9.68 18.63
N VAL B 243 9.07 -8.46 19.09
CA VAL B 243 8.18 -8.24 20.18
C VAL B 243 7.11 -7.22 19.87
N LEU B 244 6.11 -7.18 20.73
CA LEU B 244 5.02 -6.23 20.63
C LEU B 244 5.40 -5.04 21.50
N SER B 245 5.43 -3.84 20.92
CA SER B 245 5.79 -2.64 21.66
C SER B 245 4.91 -1.46 21.36
N SER B 246 4.85 -0.52 22.28
CA SER B 246 4.14 0.73 22.01
C SER B 246 4.90 1.42 20.86
N ALA B 247 4.19 2.09 20.00
CA ALA B 247 4.80 2.78 18.89
C ALA B 247 5.71 3.88 19.37
N THR B 248 6.91 3.95 18.82
CA THR B 248 7.90 4.97 19.17
C THR B 248 8.71 5.35 17.95
N ASP B 249 9.21 6.58 17.91
CA ASP B 249 10.04 6.99 16.78
C ASP B 249 11.54 6.68 16.96
N LYS B 250 11.92 6.12 18.10
CA LYS B 250 13.33 5.82 18.38
C LYS B 250 13.72 4.52 17.66
N GLY B 251 14.75 4.55 16.83
CA GLY B 251 15.17 3.38 16.08
C GLY B 251 14.32 3.09 14.84
N ASN B 252 14.71 2.08 14.07
CA ASN B 252 13.99 1.71 12.87
C ASN B 252 13.29 0.34 12.94
N GLY B 253 13.33 -0.29 14.11
CA GLY B 253 12.78 -1.59 14.30
C GLY B 253 11.27 -1.78 14.14
N GLN B 254 10.53 -0.69 14.11
CA GLN B 254 9.11 -0.76 13.94
C GLN B 254 8.66 -0.52 12.48
N GLN B 255 9.61 -0.39 11.58
CA GLN B 255 9.32 -0.21 10.17
C GLN B 255 9.44 -1.49 9.37
N TRP B 256 8.44 -1.75 8.56
CA TRP B 256 8.38 -2.94 7.75
C TRP B 256 7.87 -2.63 6.35
N THR B 257 8.15 -3.53 5.42
CA THR B 257 7.70 -3.42 4.03
C THR B 257 7.08 -4.72 3.56
N VAL B 258 6.03 -4.63 2.77
CA VAL B 258 5.40 -5.80 2.21
C VAL B 258 5.95 -5.95 0.80
N PHE B 259 6.60 -7.06 0.49
CA PHE B 259 7.16 -7.26 -0.83
C PHE B 259 6.52 -8.50 -1.44
N TYR B 260 5.57 -8.25 -2.33
CA TYR B 260 4.74 -9.26 -2.95
C TYR B 260 5.11 -9.57 -4.40
C1 NAG C . -27.60 -19.60 13.59
C2 NAG C . -27.56 -20.54 14.80
C3 NAG C . -28.87 -21.26 15.07
C4 NAG C . -30.03 -20.32 14.97
C5 NAG C . -30.00 -19.65 13.61
C6 NAG C . -31.22 -18.78 13.30
C7 NAG C . -26.17 -22.34 13.72
C8 NAG C . -24.83 -23.00 13.78
N2 NAG C . -26.46 -21.50 14.73
O3 NAG C . -28.84 -21.83 16.37
O4 NAG C . -31.21 -21.11 15.15
O5 NAG C . -28.82 -18.86 13.49
O6 NAG C . -31.29 -17.65 14.17
O7 NAG C . -26.91 -22.61 12.80
C1 FUC C . -28.57 -23.23 16.28
C2 FUC C . -27.96 -23.77 17.53
C3 FUC C . -28.97 -23.70 18.63
C4 FUC C . -30.18 -24.54 18.26
C5 FUC C . -30.74 -23.96 16.98
C6 FUC C . -31.91 -24.77 16.44
O2 FUC C . -26.89 -22.96 17.97
O3 FUC C . -28.36 -24.17 19.84
O4 FUC C . -29.76 -25.91 18.19
O5 FUC C . -29.74 -23.95 15.98
C1 NAG D . -32.66 -20.38 15.56
C2 NAG D . -33.92 -20.86 14.82
C3 NAG D . -35.15 -20.47 15.62
C4 NAG D . -35.06 -20.90 17.06
C5 NAG D . -33.79 -20.36 17.70
C6 NAG D . -33.55 -20.98 19.04
C7 NAG D . -34.00 -20.74 12.29
C8 NAG D . -34.40 -19.87 11.13
N2 NAG D . -34.20 -20.24 13.53
O3 NAG D . -36.30 -21.02 14.99
O4 NAG D . -36.13 -20.18 17.68
O5 NAG D . -32.57 -20.61 17.00
O6 NAG D . -32.20 -20.66 19.36
O7 NAG D . -33.50 -21.82 12.05
C1 BMA D . -37.43 -20.78 17.83
C2 BMA D . -37.51 -21.22 19.31
C3 BMA D . -37.06 -20.10 20.30
C4 BMA D . -36.81 -18.72 19.65
C5 BMA D . -38.05 -18.50 18.78
C6 BMA D . -38.03 -17.17 18.05
O2 BMA D . -36.95 -22.51 19.62
O3 BMA D . -35.99 -20.50 21.17
O4 BMA D . -36.54 -17.67 20.58
O5 BMA D . -38.34 -19.65 17.92
O6 BMA D . -38.41 -16.17 19.01
C1 NAG E . -27.84 -0.44 13.79
C2 NAG E . -28.88 -0.93 12.83
C3 NAG E . -30.25 -0.32 13.14
C4 NAG E . -30.63 -0.49 14.61
C5 NAG E . -29.45 0.00 15.45
C6 NAG E . -29.69 -0.16 16.93
C7 NAG E . -27.75 -1.50 10.80
C8 NAG E . -27.51 -1.08 9.40
N2 NAG E . -28.53 -0.66 11.47
O3 NAG E . -31.23 -0.92 12.33
O4 NAG E . -31.79 0.29 14.86
O5 NAG E . -28.28 -0.70 15.10
O6 NAG E . -29.78 -1.50 17.28
O7 NAG E . -27.28 -2.48 11.24
C1 NAG E . -33.00 -0.45 15.08
C2 NAG E . -34.02 0.39 15.85
C3 NAG E . -35.31 -0.36 16.02
C4 NAG E . -35.91 -0.84 14.73
C5 NAG E . -34.84 -1.44 13.84
C6 NAG E . -35.32 -1.35 12.41
C7 NAG E . -32.97 1.50 17.70
C8 NAG E . -32.59 1.30 19.15
N2 NAG E . -33.62 0.48 17.21
O3 NAG E . -36.29 0.48 16.64
O4 NAG E . -36.86 -1.78 15.13
O5 NAG E . -33.66 -0.67 13.87
O6 NAG E . -34.97 -0.06 11.90
O7 NAG E . -32.68 2.48 17.07
C1 EDO F . 6.24 11.15 -15.10
O1 EDO F . 6.99 11.10 -13.92
C2 EDO F . 6.22 9.76 -15.64
O2 EDO F . 4.97 9.49 -16.29
C1 EDO G . 21.54 4.56 -18.20
O1 EDO G . 21.65 5.58 -19.21
C2 EDO G . 21.70 3.19 -18.85
O2 EDO G . 22.95 2.62 -18.47
C1 NAG H . 2.71 16.79 -24.23
C2 NAG H . 1.98 16.25 -25.44
C3 NAG H . 0.87 17.17 -25.92
C4 NAG H . -0.01 17.65 -24.82
C5 NAG H . 0.77 18.16 -23.65
C6 NAG H . -0.21 18.13 -22.51
C7 NAG H . 3.68 15.25 -26.91
C8 NAG H . 4.96 15.62 -27.58
N2 NAG H . 3.00 16.27 -26.47
O3 NAG H . -0.05 16.49 -26.77
O4 NAG H . -0.75 18.72 -25.39
O5 NAG H . 1.86 17.32 -23.27
O6 NAG H . 0.29 18.88 -21.42
O7 NAG H . 3.28 14.12 -26.78
C1 EDO I . -21.02 -1.77 -9.97
O1 EDO I . -20.09 -2.62 -9.35
C2 EDO I . -22.42 -2.34 -9.81
O2 EDO I . -23.00 -1.89 -8.60
C1 EDO J . -10.33 -21.17 12.51
O1 EDO J . -11.70 -21.46 12.32
C2 EDO J . -9.97 -20.43 13.79
O2 EDO J . -10.45 -21.14 14.88
C1 EDO K . 13.89 -16.38 25.88
O1 EDO K . 12.76 -16.74 25.07
C2 EDO K . 15.08 -17.25 25.48
O2 EDO K . 16.04 -16.72 24.55
C1 EDO L . 16.74 -0.59 7.10
O1 EDO L . 15.64 -1.45 7.26
C2 EDO L . 17.27 -0.21 8.46
O2 EDO L . 18.20 -1.15 8.79
C1 GOL M . -25.55 -22.24 1.11
O1 GOL M . -26.65 -22.44 0.26
C2 GOL M . -24.91 -20.87 0.88
O2 GOL M . -25.81 -19.87 1.32
C3 GOL M . -24.60 -20.76 -0.60
O3 GOL M . -24.09 -19.49 -0.94
#